data_2X7X
#
_entry.id   2X7X
#
_cell.length_a   111.840
_cell.length_b   111.840
_cell.length_c   115.171
_cell.angle_alpha   90.00
_cell.angle_beta   90.00
_cell.angle_gamma   120.00
#
_symmetry.space_group_name_H-M   'P 65'
#
loop_
_entity.id
_entity.type
_entity.pdbx_description
1 polymer 'SENSOR PROTEIN'
2 non-polymer 'PHOSPHATE ION'
3 non-polymer beta-D-fructofuranose
4 non-polymer 'POTASSIUM ION'
5 water water
#
_entity_poly.entity_id   1
_entity_poly.type   'polypeptide(L)'
_entity_poly.pdbx_seq_one_letter_code
;MDDTPHFRIGVAQCSDDSWRHKMNDEILREAMFYNGVSVEIRSAGDDNSKQAEDVHYFMDEGVDLLIISANEAAPMTPIV
EEAYQKGIPVILVDRKILSDKYTAYIGADNYEIGRSVGNYIASSLKGKGNIVELTGLSGSTPAMERHQGFMAAISKFPDI
KLIDKADAAWERGPAEIEMDSMLRRHPKIDAVYAHNDRIAPGAYQAAKMAGREKEMIFVGIDALPGKGNGLELVLDSVLD
ATFIYPTNGDKVLQLAMDILEKKPYPKETVMNTAVVDRTNAHVMQLQTTHISELDKKIETLNGRIGGYLSQVATQQVLEH
HHHHH
;
_entity_poly.pdbx_strand_id   A,B
#
# COMPACT_ATOMS: atom_id res chain seq x y z
N HIS A 6 -25.96 -25.29 -3.83
CA HIS A 6 -26.87 -24.17 -3.40
C HIS A 6 -26.88 -23.01 -4.41
N PHE A 7 -25.70 -22.53 -4.80
CA PHE A 7 -25.55 -21.55 -5.88
C PHE A 7 -24.31 -21.82 -6.76
N ARG A 8 -24.49 -21.87 -8.07
CA ARG A 8 -23.37 -22.06 -9.00
C ARG A 8 -23.18 -20.84 -9.91
N ILE A 9 -21.93 -20.39 -10.01
CA ILE A 9 -21.57 -19.21 -10.83
C ILE A 9 -20.55 -19.55 -11.93
N GLY A 10 -20.76 -18.98 -13.11
CA GLY A 10 -19.84 -19.18 -14.22
C GLY A 10 -19.11 -17.89 -14.57
N VAL A 11 -17.78 -17.99 -14.72
CA VAL A 11 -16.95 -16.85 -15.08
C VAL A 11 -16.34 -17.08 -16.46
N ALA A 12 -16.83 -16.31 -17.42
CA ALA A 12 -16.29 -16.35 -18.78
C ALA A 12 -15.27 -15.23 -18.90
N GLN A 13 -14.01 -15.63 -19.03
CA GLN A 13 -12.90 -14.70 -18.97
C GLN A 13 -12.24 -14.63 -20.33
N CYS A 14 -11.99 -13.41 -20.82
CA CYS A 14 -11.49 -13.21 -22.18
C CYS A 14 -10.07 -13.71 -22.40
N SER A 15 -9.29 -13.78 -21.34
CA SER A 15 -7.93 -14.23 -21.46
C SER A 15 -7.38 -14.72 -20.13
N ASP A 16 -6.10 -15.11 -20.15
CA ASP A 16 -5.42 -15.64 -18.96
C ASP A 16 -3.99 -15.11 -18.81
N ASP A 17 -3.74 -14.47 -17.66
CA ASP A 17 -2.47 -13.78 -17.35
C ASP A 17 -2.47 -13.41 -15.87
N SER A 18 -1.42 -12.72 -15.40
CA SER A 18 -1.29 -12.39 -13.98
C SER A 18 -2.37 -11.43 -13.46
N TRP A 19 -2.96 -10.64 -14.36
CA TRP A 19 -4.06 -9.74 -14.01
C TRP A 19 -5.35 -10.53 -13.77
N ARG A 20 -5.75 -11.35 -14.75
CA ARG A 20 -6.86 -12.29 -14.56
C ARG A 20 -6.63 -13.23 -13.36
N HIS A 21 -5.44 -13.80 -13.27
CA HIS A 21 -5.08 -14.66 -12.14
C HIS A 21 -5.42 -14.02 -10.81
N LYS A 22 -4.99 -12.77 -10.64
CA LYS A 22 -5.29 -12.02 -9.43
C LYS A 22 -6.79 -11.83 -9.16
N MET A 23 -7.55 -11.52 -10.21
CA MET A 23 -9.00 -11.34 -10.07
C MET A 23 -9.70 -12.66 -9.71
N ASN A 24 -9.39 -13.71 -10.48
CA ASN A 24 -9.92 -15.04 -10.22
C ASN A 24 -9.77 -15.45 -8.75
N ASP A 25 -8.51 -15.52 -8.29
CA ASP A 25 -8.18 -15.85 -6.90
C ASP A 25 -8.95 -14.99 -5.92
N GLU A 26 -9.22 -13.74 -6.27
CA GLU A 26 -9.98 -12.83 -5.39
C GLU A 26 -11.45 -13.24 -5.32
N ILE A 27 -11.95 -13.83 -6.40
CA ILE A 27 -13.35 -14.25 -6.48
C ILE A 27 -13.53 -15.52 -5.65
N LEU A 28 -12.77 -16.56 -6.00
CA LEU A 28 -12.72 -17.80 -5.24
C LEU A 28 -12.51 -17.55 -3.74
N ARG A 29 -11.63 -16.63 -3.38
CA ARG A 29 -11.35 -16.34 -1.98
C ARG A 29 -12.59 -15.78 -1.28
N GLU A 30 -13.36 -14.97 -2.01
CA GLU A 30 -14.59 -14.41 -1.46
C GLU A 30 -15.72 -15.45 -1.42
N ALA A 31 -15.63 -16.46 -2.29
CA ALA A 31 -16.65 -17.51 -2.36
C ALA A 31 -16.79 -18.24 -1.02
N MET A 32 -15.65 -18.57 -0.43
CA MET A 32 -15.63 -19.33 0.81
C MET A 32 -16.17 -18.58 2.04
N PHE A 33 -16.66 -17.36 1.83
CA PHE A 33 -17.35 -16.60 2.88
C PHE A 33 -18.85 -16.70 2.73
N TYR A 34 -19.28 -17.51 1.77
CA TYR A 34 -20.69 -17.78 1.55
C TYR A 34 -20.89 -19.30 1.51
N ASN A 35 -21.90 -19.75 2.26
CA ASN A 35 -22.24 -21.17 2.33
C ASN A 35 -22.85 -21.67 1.02
N GLY A 36 -22.25 -22.71 0.44
CA GLY A 36 -22.83 -23.41 -0.70
C GLY A 36 -22.23 -23.12 -2.06
N VAL A 37 -21.95 -21.84 -2.32
CA VAL A 37 -21.57 -21.30 -3.65
C VAL A 37 -20.36 -21.93 -4.37
N SER A 38 -20.62 -22.44 -5.57
CA SER A 38 -19.59 -23.03 -6.41
C SER A 38 -19.25 -22.07 -7.55
N VAL A 39 -17.97 -21.76 -7.71
CA VAL A 39 -17.51 -20.90 -8.80
C VAL A 39 -16.65 -21.69 -9.78
N GLU A 40 -17.05 -21.64 -11.04
CA GLU A 40 -16.33 -22.28 -12.12
C GLU A 40 -15.80 -21.17 -13.04
N ILE A 41 -14.56 -21.34 -13.53
CA ILE A 41 -13.88 -20.29 -14.30
C ILE A 41 -13.19 -20.85 -15.52
N ARG A 42 -13.41 -20.21 -16.67
CA ARG A 42 -12.80 -20.62 -17.95
C ARG A 42 -12.17 -19.42 -18.68
N SER A 43 -11.04 -19.66 -19.33
CA SER A 43 -10.38 -18.63 -20.12
C SER A 43 -10.67 -18.85 -21.59
N ALA A 44 -10.84 -17.77 -22.33
CA ALA A 44 -11.09 -17.81 -23.76
C ALA A 44 -9.81 -17.74 -24.57
N GLY A 45 -8.68 -17.53 -23.91
CA GLY A 45 -7.40 -17.34 -24.60
C GLY A 45 -7.51 -16.35 -25.76
N ASP A 46 -8.18 -15.22 -25.53
CA ASP A 46 -8.23 -14.07 -26.45
C ASP A 46 -8.94 -14.32 -27.78
N ASP A 47 -9.85 -15.31 -27.76
CA ASP A 47 -10.56 -15.79 -28.95
C ASP A 47 -12.10 -15.75 -28.77
N ASN A 48 -12.76 -15.05 -29.68
CA ASN A 48 -14.22 -14.82 -29.62
C ASN A 48 -15.06 -16.10 -29.67
N SER A 49 -14.61 -17.06 -30.46
CA SER A 49 -15.26 -18.38 -30.54
C SER A 49 -15.22 -19.11 -29.22
N LYS A 50 -14.03 -19.23 -28.64
CA LYS A 50 -13.88 -19.95 -27.39
C LYS A 50 -14.79 -19.30 -26.34
N GLN A 51 -14.82 -17.97 -26.32
CA GLN A 51 -15.66 -17.27 -25.35
C GLN A 51 -17.18 -17.54 -25.55
N ALA A 52 -17.63 -17.63 -26.80
CA ALA A 52 -18.99 -18.12 -27.09
C ALA A 52 -19.17 -19.54 -26.53
N GLU A 53 -18.26 -20.44 -26.90
CA GLU A 53 -18.26 -21.81 -26.39
C GLU A 53 -18.35 -21.85 -24.86
N ASP A 54 -17.58 -21.00 -24.17
CA ASP A 54 -17.64 -20.93 -22.72
C ASP A 54 -19.00 -20.42 -22.22
N VAL A 55 -19.56 -19.41 -22.90
CA VAL A 55 -20.89 -18.92 -22.50
C VAL A 55 -21.97 -19.97 -22.77
N HIS A 56 -21.95 -20.59 -23.95
CA HIS A 56 -22.89 -21.68 -24.25
C HIS A 56 -22.80 -22.82 -23.24
N TYR A 57 -21.57 -23.18 -22.87
CA TYR A 57 -21.30 -24.18 -21.83
C TYR A 57 -21.97 -23.84 -20.49
N PHE A 58 -21.80 -22.60 -20.05
CA PHE A 58 -22.38 -22.14 -18.80
C PHE A 58 -23.91 -22.08 -18.87
N MET A 59 -24.44 -21.86 -20.07
CA MET A 59 -25.88 -21.87 -20.31
C MET A 59 -26.47 -23.29 -20.28
N ASP A 60 -25.75 -24.24 -20.87
CA ASP A 60 -26.13 -25.66 -20.83
C ASP A 60 -26.18 -26.16 -19.39
N GLU A 61 -25.11 -25.91 -18.63
CA GLU A 61 -25.06 -26.30 -17.23
C GLU A 61 -26.06 -25.55 -16.36
N GLY A 62 -26.79 -24.62 -16.98
CA GLY A 62 -27.79 -23.82 -16.26
C GLY A 62 -27.26 -23.18 -14.99
N VAL A 63 -26.14 -22.46 -15.09
CA VAL A 63 -25.57 -21.76 -13.93
C VAL A 63 -26.54 -20.70 -13.42
N ASP A 64 -26.45 -20.40 -12.14
CA ASP A 64 -27.36 -19.44 -11.51
C ASP A 64 -27.03 -18.00 -11.85
N LEU A 65 -25.78 -17.74 -12.23
CA LEU A 65 -25.31 -16.39 -12.57
C LEU A 65 -24.06 -16.45 -13.43
N LEU A 66 -23.94 -15.48 -14.33
CA LEU A 66 -22.82 -15.42 -15.26
C LEU A 66 -22.01 -14.13 -15.11
N ILE A 67 -20.70 -14.30 -14.89
CA ILE A 67 -19.75 -13.19 -14.88
C ILE A 67 -18.90 -13.29 -16.14
N ILE A 68 -18.97 -12.25 -16.97
CA ILE A 68 -18.19 -12.23 -18.21
C ILE A 68 -17.42 -10.93 -18.44
N SER A 69 -16.22 -11.08 -18.99
CA SER A 69 -15.44 -9.99 -19.52
C SER A 69 -15.33 -10.13 -21.04
N ALA A 70 -16.10 -9.33 -21.78
CA ALA A 70 -16.27 -9.49 -23.24
C ALA A 70 -15.04 -9.17 -24.10
N ASN A 71 -14.45 -10.22 -24.68
CA ASN A 71 -13.19 -10.12 -25.43
C ASN A 71 -13.12 -8.97 -26.42
N GLU A 72 -14.13 -8.87 -27.27
CA GLU A 72 -14.33 -7.72 -28.12
C GLU A 72 -15.79 -7.39 -27.98
N ALA A 73 -16.15 -6.12 -28.14
CA ALA A 73 -17.50 -5.64 -27.85
C ALA A 73 -18.56 -6.15 -28.82
N ALA A 74 -18.35 -5.93 -30.10
CA ALA A 74 -19.30 -6.31 -31.14
C ALA A 74 -19.62 -7.81 -31.22
N PRO A 75 -18.58 -8.67 -31.41
CA PRO A 75 -18.85 -10.09 -31.60
C PRO A 75 -19.50 -10.75 -30.40
N MET A 76 -19.24 -10.25 -29.21
CA MET A 76 -19.78 -10.90 -28.02
C MET A 76 -21.19 -10.41 -27.63
N THR A 77 -21.61 -9.30 -28.21
CA THR A 77 -22.92 -8.73 -27.88
C THR A 77 -24.07 -9.74 -28.09
N PRO A 78 -24.22 -10.30 -29.31
CA PRO A 78 -25.30 -11.28 -29.46
C PRO A 78 -25.26 -12.39 -28.41
N ILE A 79 -24.06 -12.90 -28.13
CA ILE A 79 -23.87 -13.99 -27.19
C ILE A 79 -24.27 -13.64 -25.74
N VAL A 80 -24.01 -12.42 -25.30
CA VAL A 80 -24.46 -12.03 -23.97
C VAL A 80 -25.98 -11.80 -23.93
N GLU A 81 -26.53 -11.25 -25.03
CA GLU A 81 -27.97 -11.04 -25.14
C GLU A 81 -28.77 -12.34 -24.99
N GLU A 82 -28.29 -13.42 -25.64
CA GLU A 82 -28.85 -14.76 -25.43
C GLU A 82 -28.96 -15.12 -23.96
N ALA A 83 -27.83 -15.12 -23.26
CA ALA A 83 -27.84 -15.41 -21.83
C ALA A 83 -28.85 -14.52 -21.08
N TYR A 84 -28.99 -13.28 -21.51
CA TYR A 84 -29.93 -12.37 -20.87
C TYR A 84 -31.41 -12.71 -21.18
N GLN A 85 -31.76 -12.94 -22.45
CA GLN A 85 -33.14 -13.31 -22.81
C GLN A 85 -33.56 -14.68 -22.28
N LYS A 86 -32.58 -15.58 -22.16
CA LYS A 86 -32.75 -16.88 -21.52
C LYS A 86 -32.94 -16.78 -19.99
N GLY A 87 -33.09 -15.55 -19.47
CA GLY A 87 -33.36 -15.33 -18.04
C GLY A 87 -32.19 -15.38 -17.06
N ILE A 88 -31.01 -15.81 -17.51
CA ILE A 88 -29.80 -15.87 -16.64
C ILE A 88 -29.22 -14.48 -16.32
N PRO A 89 -29.01 -14.16 -15.04
CA PRO A 89 -28.45 -12.83 -14.72
C PRO A 89 -26.96 -12.71 -15.08
N VAL A 90 -26.60 -11.63 -15.79
CA VAL A 90 -25.26 -11.43 -16.35
C VAL A 90 -24.54 -10.24 -15.71
N ILE A 91 -23.33 -10.48 -15.21
CA ILE A 91 -22.48 -9.37 -14.74
C ILE A 91 -21.34 -9.14 -15.72
N LEU A 92 -21.28 -7.91 -16.23
CA LEU A 92 -20.18 -7.49 -17.05
C LEU A 92 -19.08 -6.91 -16.16
N VAL A 93 -17.88 -7.46 -16.32
CA VAL A 93 -16.70 -6.92 -15.64
C VAL A 93 -15.69 -6.36 -16.64
N ASP A 94 -15.14 -5.18 -16.32
CA ASP A 94 -13.95 -4.66 -16.99
C ASP A 94 -14.20 -4.29 -18.47
N ARG A 95 -14.44 -5.28 -19.32
CA ARG A 95 -14.81 -5.00 -20.71
C ARG A 95 -16.32 -4.98 -20.87
N LYS A 96 -16.80 -4.24 -21.86
CA LYS A 96 -18.25 -4.02 -22.06
C LYS A 96 -18.74 -4.63 -23.38
N ILE A 97 -20.06 -4.63 -23.55
CA ILE A 97 -20.69 -4.97 -24.83
C ILE A 97 -21.38 -3.72 -25.37
N LEU A 98 -22.16 -3.88 -26.44
CA LEU A 98 -22.75 -2.75 -27.14
C LEU A 98 -24.25 -2.58 -26.97
N SER A 99 -24.81 -3.18 -25.91
CA SER A 99 -26.21 -3.00 -25.58
C SER A 99 -26.38 -3.06 -24.08
N ASP A 100 -27.62 -2.93 -23.63
CA ASP A 100 -27.94 -2.77 -22.20
C ASP A 100 -28.59 -4.03 -21.67
N LYS A 101 -28.43 -5.11 -22.41
CA LYS A 101 -29.05 -6.36 -22.03
C LYS A 101 -28.10 -7.17 -21.17
N TYR A 102 -28.01 -6.74 -19.91
CA TYR A 102 -27.14 -7.34 -18.89
C TYR A 102 -27.71 -6.91 -17.53
N THR A 103 -27.35 -7.61 -16.46
CA THR A 103 -27.92 -7.28 -15.16
C THR A 103 -27.18 -6.13 -14.47
N ALA A 104 -25.85 -6.22 -14.44
CA ALA A 104 -25.02 -5.21 -13.78
C ALA A 104 -23.62 -5.10 -14.37
N TYR A 105 -23.08 -3.89 -14.31
CA TYR A 105 -21.73 -3.61 -14.78
C TYR A 105 -20.85 -3.21 -13.61
N ILE A 106 -19.65 -3.79 -13.55
CA ILE A 106 -18.61 -3.28 -12.64
C ILE A 106 -17.26 -3.15 -13.33
N GLY A 107 -16.58 -2.04 -13.08
CA GLY A 107 -15.26 -1.82 -13.65
C GLY A 107 -14.71 -0.43 -13.40
N ALA A 108 -13.51 -0.16 -13.88
CA ALA A 108 -12.91 1.16 -13.74
C ALA A 108 -13.08 1.92 -15.04
N ASP A 109 -13.14 3.26 -14.98
CA ASP A 109 -13.37 4.06 -16.19
C ASP A 109 -12.14 4.16 -17.09
N ASN A 110 -12.18 3.44 -18.20
CA ASN A 110 -11.02 3.39 -19.09
C ASN A 110 -10.76 4.69 -19.81
N TYR A 111 -11.82 5.47 -20.04
CA TYR A 111 -11.69 6.74 -20.74
C TYR A 111 -10.91 7.71 -19.85
N GLU A 112 -11.29 7.77 -18.58
CA GLU A 112 -10.63 8.61 -17.61
C GLU A 112 -9.17 8.23 -17.39
N ILE A 113 -8.88 6.93 -17.44
CA ILE A 113 -7.50 6.46 -17.38
C ILE A 113 -6.68 6.99 -18.57
N GLY A 114 -7.25 6.93 -19.76
CA GLY A 114 -6.59 7.44 -20.95
C GLY A 114 -6.32 8.92 -20.76
N ARG A 115 -7.34 9.63 -20.32
CA ARG A 115 -7.26 11.05 -20.05
C ARG A 115 -6.11 11.33 -19.10
N SER A 116 -6.09 10.63 -17.97
CA SER A 116 -4.99 10.70 -17.00
C SER A 116 -3.62 10.42 -17.62
N VAL A 117 -3.54 9.44 -18.51
CA VAL A 117 -2.29 9.09 -19.15
C VAL A 117 -1.83 10.26 -20.02
N GLY A 118 -2.74 10.80 -20.83
CA GLY A 118 -2.41 11.95 -21.66
C GLY A 118 -1.96 13.16 -20.83
N ASN A 119 -2.65 13.42 -19.72
CA ASN A 119 -2.27 14.55 -18.88
C ASN A 119 -0.90 14.35 -18.25
N TYR A 120 -0.62 13.13 -17.78
CA TYR A 120 0.64 12.84 -17.15
C TYR A 120 1.82 13.01 -18.13
N ILE A 121 1.67 12.50 -19.35
CA ILE A 121 2.69 12.67 -20.37
C ILE A 121 2.89 14.14 -20.76
N ALA A 122 1.79 14.88 -20.95
CA ALA A 122 1.86 16.28 -21.36
C ALA A 122 2.59 17.13 -20.33
N SER A 123 2.35 16.81 -19.06
CA SER A 123 2.99 17.48 -17.95
C SER A 123 4.49 17.13 -17.89
N SER A 124 4.81 15.85 -18.11
CA SER A 124 6.18 15.38 -18.04
C SER A 124 7.04 15.87 -19.19
N LEU A 125 6.45 16.02 -20.37
CA LEU A 125 7.16 16.56 -21.53
C LEU A 125 7.03 18.08 -21.62
N LYS A 126 6.46 18.69 -20.56
CA LYS A 126 6.38 20.14 -20.49
C LYS A 126 5.66 20.72 -21.72
N GLY A 127 4.70 19.99 -22.27
CA GLY A 127 3.82 20.50 -23.33
C GLY A 127 4.26 20.30 -24.77
N LYS A 128 5.44 19.71 -24.94
CA LYS A 128 6.07 19.60 -26.27
C LYS A 128 6.69 18.21 -26.44
N GLY A 129 6.31 17.50 -27.50
CA GLY A 129 6.92 16.21 -27.79
C GLY A 129 6.10 15.23 -28.62
N ASN A 130 6.78 14.17 -29.07
CA ASN A 130 6.17 13.15 -29.91
C ASN A 130 5.88 11.87 -29.13
N ILE A 131 4.66 11.37 -29.27
CA ILE A 131 4.21 10.18 -28.56
C ILE A 131 3.89 9.07 -29.56
N VAL A 132 4.26 7.83 -29.23
CA VAL A 132 3.73 6.68 -29.94
C VAL A 132 2.80 5.89 -29.01
N GLU A 133 1.73 5.32 -29.56
CA GLU A 133 0.72 4.55 -28.81
C GLU A 133 0.69 3.11 -29.24
N LEU A 134 0.69 2.21 -28.26
CA LEU A 134 0.56 0.78 -28.50
C LEU A 134 -0.69 0.28 -27.77
N THR A 135 -1.72 -0.03 -28.53
CA THR A 135 -3.05 -0.28 -27.96
C THR A 135 -3.31 -1.75 -27.64
N GLY A 136 -4.30 -1.99 -26.80
CA GLY A 136 -4.88 -3.33 -26.66
C GLY A 136 -5.67 -3.69 -27.90
N LEU A 137 -6.20 -4.90 -27.94
CA LEU A 137 -7.02 -5.40 -29.05
C LEU A 137 -8.06 -4.35 -29.44
N SER A 138 -8.00 -3.89 -30.68
CA SER A 138 -8.83 -2.75 -31.14
C SER A 138 -10.32 -2.81 -30.77
N GLY A 139 -10.94 -3.96 -30.98
CA GLY A 139 -12.37 -4.13 -30.74
C GLY A 139 -12.79 -4.29 -29.29
N SER A 140 -11.83 -4.26 -28.35
CA SER A 140 -12.17 -4.36 -26.93
C SER A 140 -12.47 -2.96 -26.40
N THR A 141 -13.38 -2.83 -25.44
CA THR A 141 -13.77 -1.49 -24.99
C THR A 141 -12.68 -0.76 -24.19
N PRO A 142 -11.80 -1.51 -23.46
CA PRO A 142 -10.75 -0.73 -22.83
C PRO A 142 -9.78 -0.12 -23.85
N ALA A 143 -9.37 -0.86 -24.87
CA ALA A 143 -8.47 -0.26 -25.89
C ALA A 143 -9.09 0.99 -26.56
N MET A 144 -10.37 0.90 -26.91
CA MET A 144 -11.09 2.01 -27.51
C MET A 144 -11.02 3.24 -26.61
N GLU A 145 -11.48 3.09 -25.37
CA GLU A 145 -11.55 4.18 -24.41
C GLU A 145 -10.17 4.68 -24.01
N ARG A 146 -9.24 3.77 -23.68
CA ARG A 146 -7.87 4.19 -23.43
C ARG A 146 -7.32 5.10 -24.53
N HIS A 147 -7.78 4.91 -25.76
CA HIS A 147 -7.33 5.77 -26.85
C HIS A 147 -8.09 7.09 -26.89
N GLN A 148 -9.41 7.02 -26.73
CA GLN A 148 -10.27 8.20 -26.85
C GLN A 148 -9.93 9.24 -25.78
N GLY A 149 -9.76 8.76 -24.55
CA GLY A 149 -9.53 9.61 -23.39
C GLY A 149 -8.18 10.27 -23.51
N PHE A 150 -7.23 9.52 -24.04
CA PHE A 150 -5.90 10.03 -24.26
C PHE A 150 -5.87 11.09 -25.35
N MET A 151 -6.65 10.88 -26.42
CA MET A 151 -6.79 11.89 -27.47
C MET A 151 -7.48 13.14 -26.95
N ALA A 152 -8.45 12.96 -26.06
CA ALA A 152 -9.18 14.10 -25.53
C ALA A 152 -8.24 15.03 -24.74
N ALA A 153 -7.40 14.41 -23.90
CA ALA A 153 -6.45 15.12 -23.07
C ALA A 153 -5.43 15.86 -23.90
N ILE A 154 -4.81 15.19 -24.86
CA ILE A 154 -3.69 15.82 -25.56
C ILE A 154 -4.11 16.79 -26.66
N SER A 155 -5.43 16.89 -26.90
CA SER A 155 -5.96 17.88 -27.84
C SER A 155 -5.75 19.28 -27.28
N LYS A 156 -5.77 19.40 -25.96
CA LYS A 156 -5.50 20.67 -25.27
C LYS A 156 -4.03 21.12 -25.31
N PHE A 157 -3.14 20.37 -25.98
CA PHE A 157 -1.73 20.73 -26.08
C PHE A 157 -1.29 20.64 -27.51
N PRO A 158 -1.22 21.78 -28.20
CA PRO A 158 -0.95 21.72 -29.64
C PRO A 158 0.44 21.21 -30.02
N ASP A 159 1.34 21.04 -29.06
CA ASP A 159 2.69 20.56 -29.36
C ASP A 159 3.02 19.20 -28.79
N ILE A 160 2.01 18.56 -28.20
CA ILE A 160 2.06 17.14 -27.92
C ILE A 160 1.41 16.48 -29.14
N LYS A 161 2.14 15.60 -29.81
CA LYS A 161 1.64 14.98 -31.04
C LYS A 161 1.72 13.46 -31.02
N LEU A 162 0.59 12.82 -31.31
CA LEU A 162 0.58 11.42 -31.58
C LEU A 162 1.08 11.17 -33.01
N ILE A 163 2.29 10.62 -33.15
CA ILE A 163 2.91 10.41 -34.46
C ILE A 163 2.84 8.96 -34.98
N ASP A 164 2.40 8.03 -34.13
CA ASP A 164 2.24 6.62 -34.55
C ASP A 164 1.41 5.80 -33.55
N LYS A 165 0.69 4.82 -34.07
CA LYS A 165 -0.21 3.98 -33.29
C LYS A 165 -0.29 2.58 -33.88
N ALA A 166 -0.32 1.57 -33.02
CA ALA A 166 -0.43 0.20 -33.49
C ALA A 166 -1.17 -0.59 -32.45
N ASP A 167 -1.83 -1.65 -32.90
CA ASP A 167 -2.60 -2.57 -32.08
C ASP A 167 -1.66 -3.71 -31.64
N ALA A 168 -1.42 -3.82 -30.34
CA ALA A 168 -0.47 -4.80 -29.80
C ALA A 168 -1.18 -5.95 -29.09
N ALA A 169 -2.50 -5.98 -29.22
CA ALA A 169 -3.31 -7.08 -28.69
C ALA A 169 -3.02 -7.41 -27.22
N TRP A 170 -2.77 -6.38 -26.41
CA TRP A 170 -2.54 -6.54 -24.97
C TRP A 170 -1.23 -7.24 -24.60
N GLU A 171 -0.38 -7.53 -25.57
CA GLU A 171 0.72 -8.43 -25.29
C GLU A 171 2.07 -7.87 -25.63
N ARG A 172 3.09 -8.40 -24.95
CA ARG A 172 4.49 -7.95 -25.09
C ARG A 172 5.11 -8.28 -26.45
N GLY A 173 4.78 -9.46 -26.98
CA GLY A 173 5.23 -9.90 -28.29
C GLY A 173 5.00 -8.90 -29.41
N PRO A 174 3.72 -8.65 -29.75
CA PRO A 174 3.42 -7.66 -30.80
C PRO A 174 3.93 -6.25 -30.48
N ALA A 175 3.94 -5.90 -29.21
CA ALA A 175 4.51 -4.62 -28.77
C ALA A 175 5.94 -4.44 -29.26
N GLU A 176 6.77 -5.46 -29.09
CA GLU A 176 8.18 -5.38 -29.49
C GLU A 176 8.38 -5.17 -30.99
N ILE A 177 7.69 -5.96 -31.79
CA ILE A 177 7.76 -5.80 -33.24
C ILE A 177 7.29 -4.41 -33.63
N GLU A 178 6.10 -4.03 -33.17
CA GLU A 178 5.56 -2.73 -33.56
C GLU A 178 6.46 -1.57 -33.14
N MET A 179 7.01 -1.63 -31.92
CA MET A 179 7.94 -0.60 -31.46
C MET A 179 9.21 -0.54 -32.32
N ASP A 180 9.68 -1.69 -32.79
CA ASP A 180 10.81 -1.78 -33.71
C ASP A 180 10.51 -0.97 -34.94
N SER A 181 9.34 -1.19 -35.50
CA SER A 181 8.94 -0.47 -36.70
C SER A 181 8.89 1.04 -36.44
N MET A 182 8.40 1.45 -35.27
CA MET A 182 8.29 2.86 -34.93
C MET A 182 9.66 3.54 -34.77
N LEU A 183 10.58 2.88 -34.07
CA LEU A 183 11.94 3.39 -33.89
C LEU A 183 12.63 3.62 -35.25
N ARG A 184 12.56 2.61 -36.10
CA ARG A 184 13.15 2.64 -37.43
C ARG A 184 12.62 3.85 -38.24
N ARG A 185 11.33 4.15 -38.09
CA ARG A 185 10.66 5.16 -38.91
C ARG A 185 10.56 6.56 -38.28
N HIS A 186 10.91 6.65 -37.01
CA HIS A 186 10.77 7.91 -36.26
C HIS A 186 12.00 8.18 -35.39
N PRO A 187 12.89 9.09 -35.85
CA PRO A 187 14.12 9.44 -35.08
C PRO A 187 13.86 10.19 -33.76
N LYS A 188 12.72 10.87 -33.66
CA LYS A 188 12.41 11.60 -32.45
C LYS A 188 11.12 11.06 -31.81
N ILE A 189 11.29 10.27 -30.74
CA ILE A 189 10.20 9.80 -29.92
C ILE A 189 10.43 10.16 -28.45
N ASP A 190 9.50 10.89 -27.86
CA ASP A 190 9.67 11.36 -26.48
C ASP A 190 8.86 10.57 -25.45
N ALA A 191 7.91 9.77 -25.91
CA ALA A 191 7.04 9.01 -25.01
C ALA A 191 6.37 7.84 -25.65
N VAL A 192 6.27 6.75 -24.89
CA VAL A 192 5.51 5.57 -25.28
C VAL A 192 4.32 5.46 -24.35
N TYR A 193 3.13 5.41 -24.93
CA TYR A 193 1.91 5.11 -24.18
C TYR A 193 1.54 3.69 -24.51
N ALA A 194 1.64 2.81 -23.52
CA ALA A 194 1.31 1.40 -23.68
C ALA A 194 0.04 1.11 -22.90
N HIS A 195 -0.90 0.42 -23.52
CA HIS A 195 -2.22 0.18 -22.90
C HIS A 195 -2.19 -0.79 -21.72
N ASN A 196 -1.13 -1.59 -21.60
CA ASN A 196 -0.92 -2.30 -20.36
C ASN A 196 0.54 -2.52 -20.00
N ASP A 197 0.77 -3.09 -18.82
CA ASP A 197 2.11 -3.32 -18.28
C ASP A 197 2.75 -4.56 -18.86
N ARG A 198 2.13 -5.16 -19.87
CA ARG A 198 2.76 -6.24 -20.62
C ARG A 198 3.25 -5.69 -21.98
N ILE A 199 2.44 -4.84 -22.60
CA ILE A 199 2.89 -4.07 -23.75
C ILE A 199 4.16 -3.27 -23.38
N ALA A 200 4.14 -2.62 -22.23
CA ALA A 200 5.19 -1.66 -21.86
C ALA A 200 6.63 -2.21 -21.86
N PRO A 201 6.91 -3.31 -21.15
CA PRO A 201 8.30 -3.82 -21.19
C PRO A 201 8.77 -4.26 -22.60
N GLY A 202 7.82 -4.57 -23.48
CA GLY A 202 8.14 -5.00 -24.82
C GLY A 202 8.66 -3.84 -25.63
N ALA A 203 7.97 -2.71 -25.50
CA ALA A 203 8.36 -1.50 -26.21
C ALA A 203 9.72 -1.04 -25.67
N TYR A 204 9.90 -1.17 -24.36
CA TYR A 204 11.09 -0.72 -23.68
C TYR A 204 12.29 -1.52 -24.16
N GLN A 205 12.10 -2.83 -24.25
CA GLN A 205 13.15 -3.70 -24.73
C GLN A 205 13.49 -3.43 -26.20
N ALA A 206 12.50 -3.02 -26.98
CA ALA A 206 12.80 -2.60 -28.33
C ALA A 206 13.70 -1.36 -28.31
N ALA A 207 13.46 -0.45 -27.36
CA ALA A 207 14.17 0.81 -27.30
C ALA A 207 15.58 0.59 -26.76
N LYS A 208 15.66 -0.18 -25.67
CA LYS A 208 16.91 -0.60 -25.04
C LYS A 208 17.86 -1.14 -26.11
N MET A 209 17.35 -2.07 -26.91
CA MET A 209 18.15 -2.76 -27.92
C MET A 209 18.56 -1.88 -29.06
N ALA A 210 17.85 -0.77 -29.25
CA ALA A 210 18.20 0.18 -30.31
C ALA A 210 19.07 1.31 -29.74
N GLY A 211 19.49 1.14 -28.48
CA GLY A 211 20.22 2.16 -27.73
C GLY A 211 19.47 3.46 -27.55
N ARG A 212 18.14 3.41 -27.41
CA ARG A 212 17.35 4.66 -27.37
C ARG A 212 16.36 4.80 -26.21
N GLU A 213 16.42 3.91 -25.22
CA GLU A 213 15.49 3.92 -24.10
C GLU A 213 15.62 5.12 -23.14
N LYS A 214 16.72 5.85 -23.23
CA LYS A 214 16.87 7.06 -22.41
C LYS A 214 16.34 8.32 -23.09
N GLU A 215 15.83 8.16 -24.31
CA GLU A 215 15.31 9.31 -25.07
C GLU A 215 13.84 9.56 -24.85
N MET A 216 13.18 8.69 -24.08
CA MET A 216 11.73 8.67 -23.98
C MET A 216 11.26 8.11 -22.65
N ILE A 217 10.07 8.51 -22.23
CA ILE A 217 9.45 7.96 -21.03
C ILE A 217 8.48 6.85 -21.43
N PHE A 218 8.21 5.95 -20.49
CA PHE A 218 7.30 4.82 -20.72
C PHE A 218 6.14 4.84 -19.73
N VAL A 219 4.92 4.81 -20.27
CA VAL A 219 3.71 4.77 -19.44
C VAL A 219 2.84 3.57 -19.77
N GLY A 220 2.40 2.86 -18.73
CA GLY A 220 1.57 1.68 -18.92
C GLY A 220 0.34 1.73 -18.04
N ILE A 221 -0.47 0.67 -18.07
CA ILE A 221 -1.68 0.60 -17.25
C ILE A 221 -1.72 -0.79 -16.61
N ASP A 222 -2.19 -0.84 -15.36
CA ASP A 222 -2.53 -2.07 -14.62
C ASP A 222 -2.01 -1.96 -13.21
N ALA A 223 -0.70 -1.70 -13.08
CA ALA A 223 -0.04 -1.50 -11.79
C ALA A 223 -0.21 -2.65 -10.79
N LEU A 224 -0.02 -3.89 -11.23
CA LEU A 224 -0.08 -5.06 -10.33
C LEU A 224 1.18 -5.14 -9.46
N PRO A 225 1.04 -5.64 -8.22
CA PRO A 225 2.22 -6.00 -7.41
C PRO A 225 2.76 -7.35 -7.85
N GLY A 226 3.86 -7.80 -7.25
CA GLY A 226 4.44 -9.10 -7.58
C GLY A 226 5.56 -9.03 -8.61
N LYS A 227 6.35 -10.11 -8.67
CA LYS A 227 7.45 -10.25 -9.63
C LYS A 227 6.91 -10.19 -11.06
N GLY A 228 7.66 -9.54 -11.96
CA GLY A 228 7.32 -9.47 -13.38
C GLY A 228 6.22 -8.48 -13.76
N ASN A 229 5.67 -7.75 -12.78
CA ASN A 229 4.55 -6.83 -13.03
C ASN A 229 4.88 -5.33 -13.00
N GLY A 230 3.84 -4.51 -13.12
CA GLY A 230 3.98 -3.05 -13.26
C GLY A 230 4.69 -2.32 -12.15
N LEU A 231 4.25 -2.56 -10.92
CA LEU A 231 4.87 -1.95 -9.74
C LEU A 231 6.39 -2.15 -9.77
N GLU A 232 6.79 -3.39 -9.98
CA GLU A 232 8.20 -3.77 -10.04
C GLU A 232 8.94 -3.05 -11.17
N LEU A 233 8.27 -2.86 -12.30
CA LEU A 233 8.82 -2.11 -13.44
C LEU A 233 9.04 -0.62 -13.14
N VAL A 234 8.23 -0.05 -12.25
CA VAL A 234 8.42 1.32 -11.83
C VAL A 234 9.58 1.39 -10.87
N LEU A 235 9.59 0.47 -9.90
CA LEU A 235 10.69 0.40 -8.94
C LEU A 235 12.03 0.15 -9.61
N ASP A 236 12.00 -0.57 -10.74
CA ASP A 236 13.22 -0.87 -11.48
C ASP A 236 13.58 0.20 -12.49
N SER A 237 12.85 1.32 -12.50
CA SER A 237 13.12 2.42 -13.43
C SER A 237 12.93 2.08 -14.91
N VAL A 238 12.14 1.04 -15.18
CA VAL A 238 11.79 0.67 -16.55
C VAL A 238 10.54 1.43 -17.04
N LEU A 239 9.53 1.49 -16.18
CA LEU A 239 8.34 2.28 -16.45
C LEU A 239 8.43 3.58 -15.67
N ASP A 240 8.10 4.70 -16.31
CA ASP A 240 8.09 5.95 -15.59
C ASP A 240 6.82 6.10 -14.79
N ALA A 241 5.73 5.55 -15.31
CA ALA A 241 4.44 5.62 -14.63
C ALA A 241 3.53 4.49 -15.11
N THR A 242 2.61 4.09 -14.25
CA THR A 242 1.54 3.19 -14.65
C THR A 242 0.30 3.48 -13.81
N PHE A 243 -0.87 3.13 -14.32
CA PHE A 243 -2.13 3.45 -13.64
C PHE A 243 -2.79 2.21 -13.11
N ILE A 244 -3.30 2.30 -11.89
CA ILE A 244 -3.98 1.18 -11.26
C ILE A 244 -5.20 0.80 -12.06
N TYR A 245 -5.22 -0.41 -12.60
CA TYR A 245 -6.43 -0.97 -13.18
C TYR A 245 -6.91 -2.08 -12.25
N PRO A 246 -7.85 -1.76 -11.37
CA PRO A 246 -8.16 -2.64 -10.22
C PRO A 246 -8.95 -3.88 -10.60
N THR A 247 -8.56 -4.99 -9.99
CA THR A 247 -9.17 -6.28 -10.20
C THR A 247 -10.43 -6.42 -9.34
N ASN A 248 -10.29 -6.10 -8.05
CA ASN A 248 -11.39 -6.10 -7.07
C ASN A 248 -12.34 -7.31 -7.17
N GLY A 249 -11.76 -8.50 -7.24
CA GLY A 249 -12.51 -9.74 -7.33
C GLY A 249 -13.57 -9.93 -6.28
N ASP A 250 -13.26 -9.51 -5.05
CA ASP A 250 -14.21 -9.56 -3.94
C ASP A 250 -15.50 -8.75 -4.17
N LYS A 251 -15.37 -7.54 -4.73
CA LYS A 251 -16.53 -6.70 -4.99
C LYS A 251 -17.37 -7.25 -6.13
N VAL A 252 -16.75 -8.07 -6.99
CA VAL A 252 -17.45 -8.74 -8.09
C VAL A 252 -18.37 -9.80 -7.51
N LEU A 253 -17.84 -10.62 -6.61
CA LEU A 253 -18.66 -11.65 -5.99
C LEU A 253 -19.76 -11.10 -5.09
N GLN A 254 -19.47 -10.04 -4.35
CA GLN A 254 -20.48 -9.40 -3.50
C GLN A 254 -21.66 -8.95 -4.34
N LEU A 255 -21.38 -8.53 -5.57
CA LEU A 255 -22.41 -8.11 -6.50
C LEU A 255 -23.23 -9.32 -6.92
N ALA A 256 -22.55 -10.41 -7.31
CA ALA A 256 -23.20 -11.66 -7.64
C ALA A 256 -24.15 -12.10 -6.51
N MET A 257 -23.64 -12.14 -5.29
CA MET A 257 -24.43 -12.54 -4.12
C MET A 257 -25.63 -11.64 -3.83
N ASP A 258 -25.45 -10.33 -3.90
CA ASP A 258 -26.57 -9.39 -3.75
C ASP A 258 -27.70 -9.68 -4.73
N ILE A 259 -27.34 -9.99 -5.98
CA ILE A 259 -28.33 -10.26 -7.03
C ILE A 259 -29.04 -11.58 -6.79
N LEU A 260 -28.25 -12.64 -6.56
CA LEU A 260 -28.80 -13.96 -6.30
C LEU A 260 -29.69 -13.98 -5.04
N GLU A 261 -29.20 -13.40 -3.95
CA GLU A 261 -29.93 -13.36 -2.68
C GLU A 261 -30.96 -12.23 -2.64
N LYS A 262 -31.33 -11.76 -3.83
CA LYS A 262 -32.29 -10.67 -4.01
C LYS A 262 -32.17 -9.50 -3.03
N LYS A 263 -30.93 -9.21 -2.60
CA LYS A 263 -30.60 -7.95 -1.92
C LYS A 263 -30.57 -6.83 -2.94
N PRO A 264 -30.66 -5.55 -2.50
CA PRO A 264 -30.57 -4.49 -3.50
C PRO A 264 -29.13 -4.34 -4.00
N TYR A 265 -28.94 -3.69 -5.14
CA TYR A 265 -27.60 -3.53 -5.71
C TYR A 265 -27.56 -2.33 -6.66
N PRO A 266 -26.35 -1.80 -6.90
CA PRO A 266 -26.18 -0.85 -7.99
C PRO A 266 -26.06 -1.60 -9.31
N LYS A 267 -26.71 -1.10 -10.35
CA LYS A 267 -26.62 -1.68 -11.68
C LYS A 267 -25.28 -1.29 -12.29
N GLU A 268 -24.73 -0.18 -11.81
CA GLU A 268 -23.41 0.24 -12.26
C GLU A 268 -22.49 0.63 -11.11
N THR A 269 -21.35 -0.05 -11.04
CA THR A 269 -20.33 0.25 -10.06
C THR A 269 -19.04 0.63 -10.77
N VAL A 270 -18.67 1.89 -10.61
CA VAL A 270 -17.43 2.40 -11.18
C VAL A 270 -16.32 2.45 -10.13
N MET A 271 -15.19 1.82 -10.45
CA MET A 271 -14.01 1.78 -9.58
C MET A 271 -12.97 2.82 -9.97
N ASN A 272 -12.12 3.21 -9.02
CA ASN A 272 -11.18 4.30 -9.25
C ASN A 272 -9.81 3.82 -9.67
N THR A 273 -9.07 4.72 -10.30
CA THR A 273 -7.67 4.48 -10.61
C THR A 273 -6.77 5.42 -9.77
N ALA A 274 -5.46 5.23 -9.89
CA ALA A 274 -4.46 6.16 -9.38
C ALA A 274 -3.17 5.94 -10.15
N VAL A 275 -2.39 7.01 -10.28
CA VAL A 275 -1.09 6.91 -10.90
C VAL A 275 -0.09 6.29 -9.90
N VAL A 276 0.81 5.48 -10.43
CA VAL A 276 1.90 4.90 -9.67
C VAL A 276 3.19 5.24 -10.38
N ASP A 277 4.12 5.88 -9.68
CA ASP A 277 5.39 6.28 -10.27
C ASP A 277 6.47 6.34 -9.20
N ARG A 278 7.64 6.88 -9.55
CA ARG A 278 8.78 6.93 -8.62
C ARG A 278 8.43 7.51 -7.24
N THR A 279 7.64 8.57 -7.22
CA THR A 279 7.32 9.24 -5.96
C THR A 279 6.51 8.36 -4.98
N ASN A 280 5.74 7.39 -5.49
CA ASN A 280 4.89 6.58 -4.61
C ASN A 280 5.02 5.06 -4.73
N ALA A 281 5.99 4.58 -5.49
CA ALA A 281 6.09 3.14 -5.73
C ALA A 281 6.52 2.38 -4.47
N HIS A 282 7.45 2.97 -3.74
CA HIS A 282 7.98 2.37 -2.51
C HIS A 282 6.91 2.11 -1.43
N VAL A 283 6.12 3.12 -1.07
CA VAL A 283 5.08 2.89 -0.05
C VAL A 283 4.05 1.90 -0.54
N MET A 284 3.76 1.92 -1.84
CA MET A 284 2.83 0.96 -2.40
C MET A 284 3.35 -0.45 -2.25
N GLN A 285 4.65 -0.64 -2.47
CA GLN A 285 5.23 -1.98 -2.37
C GLN A 285 5.20 -2.50 -0.92
N LEU A 286 5.57 -1.67 0.04
CA LEU A 286 5.49 -2.04 1.43
C LEU A 286 4.10 -2.54 1.78
N GLN A 287 3.09 -1.82 1.30
CA GLN A 287 1.69 -2.15 1.59
C GLN A 287 1.22 -3.42 0.91
N THR A 288 1.55 -3.59 -0.38
CA THR A 288 1.13 -4.79 -1.10
C THR A 288 1.84 -6.03 -0.58
N THR A 289 3.11 -5.88 -0.20
CA THR A 289 3.87 -6.94 0.44
C THR A 289 3.12 -7.50 1.66
N HIS A 290 2.53 -6.59 2.44
CA HIS A 290 1.76 -6.98 3.61
C HIS A 290 0.45 -7.65 3.20
N ILE A 291 -0.18 -7.13 2.15
CA ILE A 291 -1.39 -7.72 1.62
C ILE A 291 -1.20 -9.21 1.25
N SER A 292 -0.10 -9.52 0.56
CA SER A 292 0.26 -10.92 0.26
C SER A 292 0.26 -11.79 1.51
N GLU A 293 0.77 -11.24 2.62
CA GLU A 293 0.84 -11.96 3.87
C GLU A 293 -0.57 -12.21 4.44
N LEU A 294 -1.40 -11.17 4.48
CA LEU A 294 -2.77 -11.33 4.95
C LEU A 294 -3.57 -12.31 4.09
N ASP A 295 -3.20 -12.42 2.81
CA ASP A 295 -3.85 -13.33 1.87
C ASP A 295 -3.59 -14.81 2.18
N LYS A 296 -2.31 -15.16 2.33
CA LYS A 296 -1.90 -16.54 2.63
C LYS A 296 -2.33 -16.95 4.03
N LYS A 297 -2.56 -15.97 4.90
CA LYS A 297 -3.21 -16.19 6.19
C LYS A 297 -4.65 -16.65 6.01
N ILE A 298 -5.38 -15.95 5.13
CA ILE A 298 -6.77 -16.30 4.81
C ILE A 298 -6.86 -17.67 4.10
N GLU A 299 -5.85 -18.01 3.33
CA GLU A 299 -5.80 -19.32 2.67
C GLU A 299 -5.49 -20.44 3.66
N THR A 300 -4.57 -20.19 4.60
CA THR A 300 -4.23 -21.16 5.65
C THR A 300 -5.44 -21.37 6.58
N LEU A 301 -6.18 -20.29 6.82
CA LEU A 301 -7.34 -20.30 7.70
C LEU A 301 -8.55 -20.97 7.05
N ASN A 302 -8.65 -20.87 5.72
CA ASN A 302 -9.70 -21.56 4.97
C ASN A 302 -9.46 -23.07 4.87
N GLY A 303 -8.18 -23.46 4.76
CA GLY A 303 -7.80 -24.88 4.71
C GLY A 303 -8.09 -25.62 6.00
N ARG A 304 -7.94 -24.94 7.13
CA ARG A 304 -8.20 -25.53 8.44
C ARG A 304 -9.70 -25.77 8.68
N ILE A 305 -10.56 -25.04 7.97
CA ILE A 305 -12.01 -25.31 7.99
C ILE A 305 -12.38 -26.47 7.03
N GLY A 306 -12.83 -27.59 7.60
CA GLY A 306 -13.20 -28.77 6.82
C GLY A 306 -11.98 -29.52 6.31
N HIS B 6 0.52 -23.89 27.15
CA HIS B 6 1.57 -24.50 26.30
C HIS B 6 2.82 -23.61 26.26
N PHE B 7 2.64 -22.34 25.87
CA PHE B 7 3.66 -21.29 26.00
C PHE B 7 3.03 -19.99 26.51
N ARG B 8 3.65 -19.33 27.48
CA ARG B 8 3.17 -18.03 28.01
C ARG B 8 4.15 -16.89 27.71
N ILE B 9 3.67 -15.88 26.98
CA ILE B 9 4.46 -14.70 26.66
C ILE B 9 3.90 -13.47 27.36
N GLY B 10 4.77 -12.76 28.08
CA GLY B 10 4.41 -11.50 28.70
C GLY B 10 5.01 -10.35 27.93
N VAL B 11 4.16 -9.37 27.60
CA VAL B 11 4.55 -8.17 26.85
C VAL B 11 4.43 -6.94 27.72
N ALA B 12 5.56 -6.30 27.97
CA ALA B 12 5.63 -5.12 28.83
C ALA B 12 5.76 -3.82 28.01
N GLN B 13 4.63 -3.31 27.54
CA GLN B 13 4.60 -2.09 26.74
C GLN B 13 4.85 -0.86 27.58
N CYS B 14 5.67 0.06 27.08
CA CYS B 14 5.95 1.30 27.80
C CYS B 14 4.75 2.24 27.86
N SER B 15 3.98 2.26 26.77
CA SER B 15 2.90 3.23 26.55
C SER B 15 1.61 2.54 26.15
N ASP B 16 0.54 3.33 26.12
CA ASP B 16 -0.70 2.92 25.48
C ASP B 16 -1.23 4.06 24.62
N ASP B 17 -1.51 3.74 23.37
CA ASP B 17 -1.99 4.69 22.36
C ASP B 17 -2.33 3.91 21.11
N SER B 18 -2.75 4.63 20.07
CA SER B 18 -3.18 3.99 18.83
C SER B 18 -2.06 3.20 18.13
N TRP B 19 -0.80 3.61 18.34
CA TRP B 19 0.33 2.91 17.75
C TRP B 19 0.56 1.61 18.49
N ARG B 20 0.68 1.70 19.81
CA ARG B 20 0.84 0.53 20.65
C ARG B 20 -0.31 -0.47 20.44
N HIS B 21 -1.53 0.04 20.42
CA HIS B 21 -2.74 -0.78 20.21
C HIS B 21 -2.68 -1.58 18.91
N LYS B 22 -2.23 -0.95 17.83
CA LYS B 22 -2.10 -1.64 16.56
C LYS B 22 -1.14 -2.82 16.67
N MET B 23 0.05 -2.57 17.23
CA MET B 23 1.00 -3.65 17.48
C MET B 23 0.42 -4.71 18.41
N ASN B 24 -0.18 -4.29 19.51
CA ASN B 24 -0.86 -5.21 20.42
C ASN B 24 -1.89 -6.13 19.70
N ASP B 25 -2.72 -5.55 18.83
CA ASP B 25 -3.70 -6.34 18.06
C ASP B 25 -3.06 -7.34 17.11
N GLU B 26 -2.00 -6.91 16.43
CA GLU B 26 -1.25 -7.74 15.48
C GLU B 26 -0.58 -8.92 16.18
N ILE B 27 -0.05 -8.70 17.39
CA ILE B 27 0.55 -9.76 18.18
C ILE B 27 -0.49 -10.80 18.60
N LEU B 28 -1.67 -10.35 19.00
CA LEU B 28 -2.71 -11.25 19.46
C LEU B 28 -3.23 -12.05 18.28
N ARG B 29 -3.42 -11.37 17.15
CA ARG B 29 -3.92 -12.01 15.95
C ARG B 29 -2.95 -13.06 15.44
N GLU B 30 -1.66 -12.79 15.55
CA GLU B 30 -0.62 -13.73 15.11
C GLU B 30 -0.54 -14.96 16.01
N ALA B 31 -0.96 -14.81 17.26
CA ALA B 31 -0.88 -15.90 18.24
C ALA B 31 -1.93 -16.97 17.99
N MET B 32 -3.08 -16.54 17.48
CA MET B 32 -4.16 -17.43 17.04
C MET B 32 -3.67 -18.54 16.08
N PHE B 33 -2.56 -18.28 15.39
CA PHE B 33 -1.96 -19.20 14.41
C PHE B 33 -1.00 -20.23 15.00
N TYR B 34 -0.67 -20.07 16.27
CA TYR B 34 0.15 -21.05 16.96
C TYR B 34 -0.70 -21.78 17.99
N ASN B 35 -0.47 -23.07 18.16
CA ASN B 35 -1.31 -23.77 19.13
C ASN B 35 -0.84 -23.61 20.58
N GLY B 36 -1.76 -23.11 21.40
CA GLY B 36 -1.57 -23.00 22.85
C GLY B 36 -0.67 -21.87 23.30
N VAL B 37 -0.50 -20.87 22.45
CA VAL B 37 0.30 -19.70 22.81
C VAL B 37 -0.58 -18.64 23.46
N SER B 38 -0.26 -18.31 24.70
CA SER B 38 -0.99 -17.31 25.46
C SER B 38 -0.18 -16.03 25.61
N VAL B 39 -0.77 -14.91 25.20
CA VAL B 39 -0.12 -13.61 25.29
C VAL B 39 -0.86 -12.68 26.24
N GLU B 40 -0.13 -12.18 27.23
CA GLU B 40 -0.63 -11.25 28.22
C GLU B 40 0.13 -9.92 28.01
N ILE B 41 -0.61 -8.83 27.77
CA ILE B 41 -0.02 -7.53 27.46
C ILE B 41 -0.32 -6.51 28.54
N ARG B 42 0.71 -5.86 29.05
CA ARG B 42 0.53 -4.77 30.02
C ARG B 42 1.14 -3.46 29.52
N SER B 43 0.51 -2.34 29.90
CA SER B 43 1.02 -1.01 29.65
C SER B 43 1.53 -0.36 30.94
N ALA B 44 2.68 0.32 30.85
CA ALA B 44 3.31 1.00 31.98
C ALA B 44 2.83 2.45 32.19
N GLY B 45 2.05 2.95 31.23
CA GLY B 45 1.58 4.34 31.24
C GLY B 45 2.70 5.36 31.34
N ASP B 46 3.82 5.09 30.66
CA ASP B 46 4.99 5.98 30.58
C ASP B 46 5.70 6.19 31.91
N ASP B 47 5.66 5.17 32.76
CA ASP B 47 6.26 5.21 34.10
C ASP B 47 7.25 4.07 34.26
N ASN B 48 8.49 4.39 34.62
CA ASN B 48 9.53 3.38 34.84
C ASN B 48 9.27 2.41 35.97
N SER B 49 8.77 2.90 37.11
CA SER B 49 8.42 2.04 38.25
C SER B 49 7.31 1.06 37.89
N LYS B 50 6.22 1.57 37.32
CA LYS B 50 5.18 0.67 36.84
C LYS B 50 5.74 -0.39 35.86
N GLN B 51 6.62 0.02 34.93
CA GLN B 51 7.24 -0.96 34.01
C GLN B 51 8.15 -1.98 34.72
N ALA B 52 8.89 -1.53 35.71
CA ALA B 52 9.66 -2.43 36.57
C ALA B 52 8.72 -3.48 37.18
N GLU B 53 7.63 -3.03 37.81
CA GLU B 53 6.59 -3.91 38.36
C GLU B 53 6.08 -4.95 37.37
N ASP B 54 5.75 -4.50 36.17
CA ASP B 54 5.20 -5.38 35.13
C ASP B 54 6.16 -6.51 34.82
N VAL B 55 7.45 -6.19 34.66
CA VAL B 55 8.44 -7.21 34.34
C VAL B 55 8.56 -8.21 35.49
N HIS B 56 8.72 -7.67 36.70
CA HIS B 56 8.73 -8.43 37.95
C HIS B 56 7.51 -9.34 38.07
N TYR B 57 6.34 -8.83 37.68
CA TYR B 57 5.14 -9.64 37.68
C TYR B 57 5.27 -10.80 36.68
N PHE B 58 5.67 -10.49 35.45
CA PHE B 58 5.82 -11.50 34.41
C PHE B 58 6.84 -12.56 34.80
N MET B 59 7.90 -12.12 35.48
CA MET B 59 8.91 -13.01 36.02
C MET B 59 8.30 -13.96 37.05
N ASP B 60 7.51 -13.39 37.98
CA ASP B 60 6.91 -14.17 39.08
C ASP B 60 5.99 -15.28 38.59
N GLU B 61 5.21 -15.01 37.55
CA GLU B 61 4.27 -16.02 37.02
C GLU B 61 4.95 -16.99 36.05
N GLY B 62 6.26 -16.83 35.90
CA GLY B 62 7.09 -17.72 35.09
C GLY B 62 6.75 -17.77 33.61
N VAL B 63 6.67 -16.59 32.97
CA VAL B 63 6.48 -16.52 31.51
C VAL B 63 7.65 -17.19 30.79
N ASP B 64 7.37 -17.80 29.64
CA ASP B 64 8.42 -18.44 28.85
C ASP B 64 9.32 -17.47 28.08
N LEU B 65 8.82 -16.25 27.85
CA LEU B 65 9.56 -15.22 27.11
C LEU B 65 8.99 -13.83 27.45
N LEU B 66 9.87 -12.82 27.43
CA LEU B 66 9.45 -11.43 27.66
C LEU B 66 9.65 -10.50 26.46
N ILE B 67 8.56 -9.89 26.00
CA ILE B 67 8.64 -8.81 25.01
C ILE B 67 8.56 -7.46 25.75
N ILE B 68 9.58 -6.61 25.61
CA ILE B 68 9.64 -5.31 26.32
C ILE B 68 10.01 -4.11 25.42
N SER B 69 9.30 -3.00 25.57
CA SER B 69 9.72 -1.73 24.97
C SER B 69 10.12 -0.78 26.08
N ALA B 70 11.41 -0.75 26.38
CA ALA B 70 11.93 -0.06 27.53
C ALA B 70 11.58 1.41 27.46
N ASN B 71 10.69 1.84 28.36
CA ASN B 71 10.21 3.22 28.39
C ASN B 71 11.35 4.24 28.30
N GLU B 72 12.36 4.09 29.15
CA GLU B 72 13.59 4.86 29.12
C GLU B 72 14.70 3.84 29.23
N ALA B 73 15.90 4.19 28.76
CA ALA B 73 16.95 3.18 28.61
C ALA B 73 17.69 2.83 29.91
N ALA B 74 18.15 3.85 30.63
CA ALA B 74 18.92 3.64 31.88
C ALA B 74 18.10 2.94 32.98
N PRO B 75 16.91 3.50 33.32
CA PRO B 75 16.10 2.92 34.41
C PRO B 75 15.75 1.47 34.19
N MET B 76 15.79 1.03 32.94
CA MET B 76 15.22 -0.24 32.60
C MET B 76 16.27 -1.29 32.34
N THR B 77 17.54 -0.89 32.35
CA THR B 77 18.63 -1.79 32.01
C THR B 77 18.86 -2.89 33.07
N PRO B 78 19.01 -2.52 34.35
CA PRO B 78 19.18 -3.58 35.36
C PRO B 78 18.03 -4.58 35.37
N ILE B 79 16.80 -4.11 35.17
CA ILE B 79 15.62 -4.99 35.24
C ILE B 79 15.66 -5.98 34.10
N VAL B 80 16.01 -5.50 32.90
CA VAL B 80 16.15 -6.37 31.74
C VAL B 80 17.35 -7.30 31.90
N GLU B 81 18.48 -6.74 32.33
CA GLU B 81 19.67 -7.52 32.60
C GLU B 81 19.39 -8.67 33.58
N GLU B 82 18.53 -8.40 34.57
CA GLU B 82 18.13 -9.41 35.57
C GLU B 82 17.35 -10.58 34.95
N ALA B 83 16.29 -10.24 34.20
CA ALA B 83 15.42 -11.25 33.56
C ALA B 83 16.19 -12.10 32.55
N TYR B 84 17.25 -11.53 32.02
CA TYR B 84 18.07 -12.20 31.03
C TYR B 84 19.00 -13.23 31.67
N GLN B 85 19.72 -12.81 32.72
CA GLN B 85 20.66 -13.66 33.44
C GLN B 85 19.94 -14.82 34.13
N LYS B 86 18.72 -14.56 34.59
CA LYS B 86 17.81 -15.58 35.10
C LYS B 86 17.44 -16.62 34.03
N GLY B 87 17.83 -16.36 32.77
CA GLY B 87 17.64 -17.32 31.69
C GLY B 87 16.35 -17.22 30.89
N ILE B 88 15.59 -16.14 31.10
CA ILE B 88 14.41 -15.88 30.28
C ILE B 88 14.84 -15.13 29.02
N PRO B 89 14.45 -15.63 27.83
CA PRO B 89 14.75 -14.84 26.65
C PRO B 89 13.94 -13.53 26.62
N VAL B 90 14.64 -12.44 26.26
CA VAL B 90 14.04 -11.12 26.21
C VAL B 90 14.12 -10.59 24.77
N ILE B 91 12.97 -10.15 24.26
CA ILE B 91 12.90 -9.42 22.99
C ILE B 91 12.69 -7.93 23.26
N LEU B 92 13.65 -7.13 22.84
CA LEU B 92 13.51 -5.70 22.81
C LEU B 92 12.78 -5.28 21.54
N VAL B 93 11.68 -4.56 21.69
CA VAL B 93 10.90 -4.05 20.56
C VAL B 93 10.93 -2.54 20.54
N ASP B 94 11.26 -1.98 19.38
CA ASP B 94 11.12 -0.53 19.15
C ASP B 94 12.13 0.28 19.99
N ARG B 95 11.97 0.34 21.31
CA ARG B 95 12.94 1.00 22.18
C ARG B 95 14.03 0.04 22.63
N LYS B 96 15.15 0.58 23.13
CA LYS B 96 16.29 -0.19 23.59
C LYS B 96 16.70 0.14 25.06
N ILE B 97 17.54 -0.72 25.63
CA ILE B 97 18.28 -0.42 26.88
C ILE B 97 19.76 -0.11 26.58
N LEU B 98 20.52 0.29 27.60
CA LEU B 98 21.92 0.72 27.42
C LEU B 98 22.93 -0.38 27.06
N SER B 99 22.71 -1.61 27.54
CA SER B 99 23.64 -2.71 27.27
C SER B 99 23.25 -3.72 26.15
N ASP B 100 24.13 -4.69 25.90
CA ASP B 100 23.95 -5.69 24.85
C ASP B 100 23.36 -7.00 25.38
N LYS B 101 23.05 -7.03 26.68
CA LYS B 101 22.56 -8.27 27.33
C LYS B 101 21.06 -8.50 27.09
N TYR B 102 20.74 -9.12 25.96
CA TYR B 102 19.35 -9.47 25.61
C TYR B 102 19.34 -10.46 24.42
N THR B 103 18.22 -11.17 24.24
CA THR B 103 18.12 -12.20 23.22
C THR B 103 18.09 -11.65 21.79
N ALA B 104 17.12 -10.76 21.50
CA ALA B 104 16.97 -10.19 20.16
C ALA B 104 16.32 -8.81 20.18
N TYR B 105 16.67 -7.97 19.21
CA TYR B 105 16.00 -6.70 18.99
C TYR B 105 15.23 -6.71 17.67
N ILE B 106 14.06 -6.10 17.69
CA ILE B 106 13.29 -5.84 16.48
C ILE B 106 12.67 -4.43 16.54
N GLY B 107 12.85 -3.69 15.45
CA GLY B 107 12.33 -2.34 15.31
C GLY B 107 12.79 -1.78 13.98
N ALA B 108 12.54 -0.50 13.74
CA ALA B 108 13.03 0.15 12.54
C ALA B 108 14.27 0.95 12.91
N ASP B 109 14.97 1.48 11.92
CA ASP B 109 16.19 2.24 12.15
C ASP B 109 15.83 3.70 12.49
N ASN B 110 15.82 4.00 13.78
CA ASN B 110 15.44 5.33 14.25
C ASN B 110 16.42 6.42 13.84
N TYR B 111 17.70 6.04 13.73
CA TYR B 111 18.73 6.96 13.26
C TYR B 111 18.49 7.33 11.78
N GLU B 112 18.22 6.34 10.94
CA GLU B 112 18.04 6.60 9.53
C GLU B 112 16.72 7.33 9.25
N ILE B 113 15.73 7.11 10.09
CA ILE B 113 14.50 7.89 10.00
C ILE B 113 14.85 9.36 10.25
N GLY B 114 15.58 9.60 11.33
CA GLY B 114 16.08 10.92 11.66
C GLY B 114 16.77 11.58 10.49
N ARG B 115 17.66 10.84 9.85
CA ARG B 115 18.42 11.36 8.72
C ARG B 115 17.51 11.71 7.54
N SER B 116 16.54 10.84 7.25
CA SER B 116 15.56 11.07 6.20
C SER B 116 14.72 12.32 6.47
N VAL B 117 14.25 12.50 7.71
CA VAL B 117 13.54 13.73 8.06
C VAL B 117 14.42 14.93 7.72
N GLY B 118 15.66 14.88 8.18
CA GLY B 118 16.63 15.93 7.94
C GLY B 118 16.78 16.24 6.46
N ASN B 119 16.99 15.20 5.66
CA ASN B 119 17.12 15.40 4.21
C ASN B 119 15.86 16.00 3.59
N TYR B 120 14.70 15.49 4.00
CA TYR B 120 13.42 15.93 3.49
C TYR B 120 13.18 17.41 3.78
N ILE B 121 13.47 17.83 5.00
CA ILE B 121 13.26 19.23 5.34
C ILE B 121 14.22 20.11 4.56
N ALA B 122 15.50 19.71 4.45
CA ALA B 122 16.52 20.48 3.70
C ALA B 122 16.17 20.65 2.23
N SER B 123 15.61 19.59 1.64
CA SER B 123 15.20 19.62 0.27
C SER B 123 14.02 20.54 0.08
N SER B 124 13.04 20.41 0.97
CA SER B 124 11.80 21.15 0.86
C SER B 124 12.01 22.64 1.12
N LEU B 125 12.96 22.97 2.00
CA LEU B 125 13.32 24.36 2.26
C LEU B 125 14.45 24.86 1.36
N LYS B 126 14.88 24.02 0.41
CA LYS B 126 15.93 24.37 -0.54
C LYS B 126 17.24 24.78 0.13
N GLY B 127 17.58 24.08 1.21
CA GLY B 127 18.86 24.26 1.88
C GLY B 127 19.03 25.51 2.70
N LYS B 128 17.92 26.22 2.98
CA LYS B 128 17.95 27.48 3.76
C LYS B 128 16.72 27.60 4.65
N GLY B 129 16.91 27.81 5.94
CA GLY B 129 15.77 28.04 6.83
C GLY B 129 16.00 27.65 8.28
N ASN B 130 15.03 27.99 9.14
CA ASN B 130 15.06 27.71 10.57
C ASN B 130 14.12 26.57 10.96
N ILE B 131 14.65 25.59 11.70
CA ILE B 131 13.89 24.42 12.11
C ILE B 131 13.73 24.45 13.61
N VAL B 132 12.52 24.10 14.08
CA VAL B 132 12.32 23.76 15.48
C VAL B 132 12.03 22.26 15.58
N GLU B 133 12.53 21.65 16.64
CA GLU B 133 12.42 20.23 16.87
C GLU B 133 11.72 19.99 18.20
N LEU B 134 10.72 19.08 18.19
CA LEU B 134 10.01 18.69 19.39
C LEU B 134 10.21 17.19 19.61
N THR B 135 11.04 16.85 20.58
CA THR B 135 11.55 15.49 20.72
C THR B 135 10.61 14.61 21.54
N GLY B 136 10.73 13.30 21.38
CA GLY B 136 10.15 12.36 22.32
C GLY B 136 10.89 12.41 23.65
N LEU B 137 10.54 11.51 24.55
CA LEU B 137 11.11 11.48 25.88
C LEU B 137 12.63 11.30 25.80
N SER B 138 13.34 12.32 26.29
CA SER B 138 14.81 12.37 26.19
C SER B 138 15.56 11.08 26.48
N GLY B 139 15.15 10.37 27.53
CA GLY B 139 15.84 9.17 27.92
C GLY B 139 15.42 7.90 27.20
N SER B 140 14.53 8.01 26.20
CA SER B 140 14.20 6.86 25.36
C SER B 140 15.10 6.85 24.13
N THR B 141 15.51 5.66 23.67
CA THR B 141 16.44 5.56 22.54
C THR B 141 15.92 6.06 21.17
N PRO B 142 14.62 5.82 20.84
CA PRO B 142 14.14 6.38 19.59
C PRO B 142 14.28 7.90 19.55
N ALA B 143 13.98 8.59 20.65
CA ALA B 143 14.10 10.05 20.66
C ALA B 143 15.56 10.51 20.52
N MET B 144 16.49 9.78 21.15
CA MET B 144 17.90 10.09 21.03
C MET B 144 18.30 9.94 19.57
N GLU B 145 17.91 8.80 18.99
CA GLU B 145 18.33 8.44 17.65
C GLU B 145 17.68 9.29 16.57
N ARG B 146 16.40 9.64 16.76
CA ARG B 146 15.69 10.48 15.77
C ARG B 146 16.24 11.89 15.76
N HIS B 147 16.74 12.34 16.90
CA HIS B 147 17.36 13.65 16.97
C HIS B 147 18.76 13.61 16.35
N GLN B 148 19.49 12.55 16.67
CA GLN B 148 20.88 12.45 16.25
C GLN B 148 21.03 12.23 14.74
N GLY B 149 20.15 11.42 14.16
CA GLY B 149 20.16 11.18 12.72
C GLY B 149 19.87 12.49 12.01
N PHE B 150 18.92 13.23 12.57
CA PHE B 150 18.51 14.53 12.04
C PHE B 150 19.67 15.52 12.02
N MET B 151 20.36 15.68 13.14
CA MET B 151 21.57 16.50 13.20
C MET B 151 22.63 16.11 12.13
N ALA B 152 22.77 14.81 11.88
CA ALA B 152 23.76 14.34 10.92
C ALA B 152 23.41 14.88 9.55
N ALA B 153 22.14 14.77 9.17
CA ALA B 153 21.65 15.25 7.90
C ALA B 153 21.77 16.77 7.75
N ILE B 154 21.27 17.52 8.72
CA ILE B 154 21.27 18.98 8.57
C ILE B 154 22.65 19.64 8.81
N SER B 155 23.62 18.86 9.28
CA SER B 155 24.97 19.35 9.45
C SER B 155 25.59 19.65 8.09
N LYS B 156 25.13 18.95 7.05
CA LYS B 156 25.64 19.10 5.69
C LYS B 156 25.02 20.28 4.96
N PHE B 157 24.20 21.07 5.64
CA PHE B 157 23.58 22.24 5.04
C PHE B 157 23.84 23.46 5.90
N PRO B 158 24.90 24.22 5.59
CA PRO B 158 25.30 25.35 6.44
C PRO B 158 24.22 26.40 6.65
N ASP B 159 23.25 26.48 5.74
CA ASP B 159 22.18 27.49 5.85
C ASP B 159 20.91 27.02 6.59
N ILE B 160 20.90 25.76 7.01
CA ILE B 160 19.81 25.23 7.81
C ILE B 160 20.19 25.29 9.28
N LYS B 161 19.43 26.05 10.06
CA LYS B 161 19.70 26.13 11.51
C LYS B 161 18.61 25.44 12.34
N LEU B 162 19.02 24.72 13.37
CA LEU B 162 18.08 24.30 14.40
C LEU B 162 18.05 25.42 15.43
N ILE B 163 16.95 26.16 15.50
CA ILE B 163 16.89 27.32 16.40
C ILE B 163 16.29 27.08 17.79
N ASP B 164 15.47 26.05 17.95
CA ASP B 164 14.92 25.67 19.26
C ASP B 164 14.58 24.19 19.31
N LYS B 165 14.57 23.62 20.52
CA LYS B 165 14.38 22.19 20.74
C LYS B 165 13.76 21.99 22.12
N ALA B 166 12.81 21.06 22.25
CA ALA B 166 12.19 20.76 23.55
C ALA B 166 11.69 19.32 23.65
N ASP B 167 11.57 18.82 24.88
CA ASP B 167 11.14 17.45 25.10
C ASP B 167 9.61 17.43 25.24
N ALA B 168 8.94 16.97 24.18
CA ALA B 168 7.49 16.94 24.12
C ALA B 168 6.94 15.65 24.73
N ALA B 169 7.86 14.77 25.15
CA ALA B 169 7.55 13.54 25.87
C ALA B 169 6.57 12.64 25.15
N TRP B 170 6.66 12.64 23.81
CA TRP B 170 5.83 11.82 22.92
C TRP B 170 4.38 12.25 22.72
N GLU B 171 3.96 13.39 23.27
CA GLU B 171 2.52 13.67 23.37
C GLU B 171 2.11 15.07 22.87
N ARG B 172 0.85 15.17 22.44
CA ARG B 172 0.27 16.40 21.93
C ARG B 172 0.30 17.55 22.92
N GLY B 173 -0.04 17.24 24.18
CA GLY B 173 -0.13 18.21 25.27
C GLY B 173 1.11 19.07 25.45
N PRO B 174 2.23 18.48 25.91
CA PRO B 174 3.49 19.24 26.03
C PRO B 174 3.90 19.89 24.70
N ALA B 175 3.64 19.21 23.58
CA ALA B 175 4.05 19.72 22.27
C ALA B 175 3.43 21.07 22.00
N GLU B 176 2.17 21.20 22.37
CA GLU B 176 1.41 22.39 22.09
C GLU B 176 1.88 23.57 22.95
N ILE B 177 2.31 23.28 24.17
CA ILE B 177 2.77 24.34 25.08
C ILE B 177 4.17 24.81 24.64
N GLU B 178 5.03 23.85 24.33
CA GLU B 178 6.35 24.12 23.85
C GLU B 178 6.37 24.88 22.53
N MET B 179 5.55 24.47 21.55
CA MET B 179 5.45 25.20 20.29
C MET B 179 5.05 26.63 20.55
N ASP B 180 4.01 26.79 21.37
CA ASP B 180 3.49 28.07 21.79
C ASP B 180 4.61 29.01 22.25
N SER B 181 5.47 28.51 23.13
CA SER B 181 6.63 29.27 23.57
C SER B 181 7.57 29.57 22.41
N MET B 182 7.86 28.57 21.59
CA MET B 182 8.77 28.76 20.45
C MET B 182 8.28 29.85 19.52
N LEU B 183 6.98 29.86 19.26
CA LEU B 183 6.38 30.86 18.38
C LEU B 183 6.54 32.28 18.88
N ARG B 184 6.55 32.44 20.20
CA ARG B 184 6.61 33.77 20.80
C ARG B 184 8.03 34.33 20.74
N ARG B 185 9.01 33.45 20.92
CA ARG B 185 10.43 33.83 20.92
C ARG B 185 11.09 33.82 19.53
N HIS B 186 10.46 33.15 18.57
CA HIS B 186 11.03 33.02 17.22
C HIS B 186 10.08 33.48 16.11
N PRO B 187 10.31 34.70 15.58
CA PRO B 187 9.48 35.31 14.53
C PRO B 187 9.56 34.57 13.20
N LYS B 188 10.71 33.95 12.90
CA LYS B 188 10.87 33.20 11.66
C LYS B 188 11.18 31.73 11.93
N ILE B 189 10.16 30.88 11.74
CA ILE B 189 10.27 29.42 11.86
C ILE B 189 9.84 28.81 10.54
N ASP B 190 10.68 27.99 9.94
CA ASP B 190 10.44 27.53 8.57
C ASP B 190 9.97 26.09 8.51
N ALA B 191 10.31 25.33 9.57
CA ALA B 191 9.91 23.94 9.67
C ALA B 191 9.82 23.45 11.11
N VAL B 192 8.89 22.51 11.35
CA VAL B 192 8.73 21.90 12.66
C VAL B 192 8.97 20.43 12.49
N TYR B 193 9.97 19.94 13.21
CA TYR B 193 10.27 18.51 13.27
C TYR B 193 9.66 17.90 14.53
N ALA B 194 8.61 17.10 14.34
CA ALA B 194 7.91 16.41 15.43
C ALA B 194 8.32 14.95 15.50
N HIS B 195 8.67 14.48 16.68
CA HIS B 195 9.15 13.09 16.80
C HIS B 195 8.05 12.05 16.61
N ASN B 196 6.78 12.47 16.69
CA ASN B 196 5.69 11.56 16.33
C ASN B 196 4.44 12.27 15.80
N ASP B 197 3.47 11.48 15.38
CA ASP B 197 2.22 11.99 14.79
C ASP B 197 1.23 12.48 15.84
N ARG B 198 1.65 12.50 17.11
CA ARG B 198 0.83 13.05 18.17
C ARG B 198 1.42 14.39 18.59
N ILE B 199 2.74 14.49 18.62
CA ILE B 199 3.40 15.77 18.84
C ILE B 199 3.05 16.76 17.72
N ALA B 200 3.01 16.29 16.47
CA ALA B 200 2.83 17.18 15.33
C ALA B 200 1.51 18.00 15.34
N PRO B 201 0.35 17.34 15.55
CA PRO B 201 -0.92 18.10 15.54
C PRO B 201 -0.96 19.09 16.68
N GLY B 202 -0.27 18.75 17.77
CA GLY B 202 -0.03 19.69 18.85
C GLY B 202 0.67 20.95 18.40
N ALA B 203 1.77 20.80 17.67
CA ALA B 203 2.55 21.95 17.19
C ALA B 203 1.71 22.74 16.19
N TYR B 204 1.05 22.01 15.28
CA TYR B 204 0.18 22.62 14.31
C TYR B 204 -0.89 23.53 14.93
N GLN B 205 -1.58 23.06 15.97
CA GLN B 205 -2.65 23.86 16.52
C GLN B 205 -2.15 25.13 17.17
N ALA B 206 -1.00 25.04 17.84
CA ALA B 206 -0.35 26.25 18.37
C ALA B 206 -0.07 27.25 17.24
N ALA B 207 0.43 26.77 16.10
CA ALA B 207 0.68 27.66 14.97
C ALA B 207 -0.63 28.22 14.40
N LYS B 208 -1.62 27.35 14.16
CA LYS B 208 -2.90 27.79 13.61
C LYS B 208 -3.50 28.89 14.49
N MET B 209 -3.47 28.70 15.80
CA MET B 209 -4.07 29.65 16.72
C MET B 209 -3.28 30.95 16.81
N ALA B 210 -2.03 30.93 16.34
CA ALA B 210 -1.23 32.16 16.31
C ALA B 210 -1.21 32.78 14.92
N GLY B 211 -2.02 32.22 14.01
CA GLY B 211 -2.11 32.67 12.63
C GLY B 211 -0.84 32.44 11.82
N ARG B 212 -0.21 31.28 12.00
CA ARG B 212 1.12 31.07 11.42
C ARG B 212 1.36 29.71 10.78
N GLU B 213 0.31 28.92 10.62
CA GLU B 213 0.47 27.55 10.13
C GLU B 213 0.91 27.46 8.67
N LYS B 214 0.68 28.51 7.90
CA LYS B 214 1.03 28.53 6.49
C LYS B 214 2.50 28.94 6.28
N GLU B 215 3.10 29.48 7.34
CA GLU B 215 4.50 29.90 7.29
C GLU B 215 5.52 28.76 7.32
N MET B 216 5.09 27.56 7.70
CA MET B 216 6.03 26.47 7.94
C MET B 216 5.50 25.11 7.52
N ILE B 217 6.39 24.13 7.43
CA ILE B 217 5.99 22.77 7.14
C ILE B 217 6.09 21.95 8.43
N PHE B 218 5.27 20.91 8.53
CA PHE B 218 5.24 20.07 9.70
C PHE B 218 5.57 18.67 9.26
N VAL B 219 6.58 18.07 9.92
CA VAL B 219 7.02 16.73 9.63
C VAL B 219 6.90 15.90 10.89
N GLY B 220 6.29 14.72 10.78
CA GLY B 220 6.08 13.84 11.94
C GLY B 220 6.63 12.45 11.69
N ILE B 221 6.39 11.53 12.62
CA ILE B 221 6.82 10.13 12.46
C ILE B 221 5.70 9.18 12.91
N ASP B 222 5.61 8.03 12.26
CA ASP B 222 4.64 6.95 12.57
C ASP B 222 3.83 6.54 11.34
N ALA B 223 3.12 7.50 10.77
CA ALA B 223 2.35 7.32 9.53
C ALA B 223 1.33 6.18 9.57
N LEU B 224 0.60 6.07 10.68
CA LEU B 224 -0.44 5.03 10.83
C LEU B 224 -1.69 5.36 10.01
N PRO B 225 -2.43 4.33 9.58
CA PRO B 225 -3.77 4.52 9.02
C PRO B 225 -4.82 4.77 10.13
N GLY B 226 -6.04 5.11 9.75
CA GLY B 226 -7.14 5.21 10.70
C GLY B 226 -7.46 6.63 11.09
N LYS B 227 -8.65 6.83 11.63
CA LYS B 227 -9.09 8.17 12.04
C LYS B 227 -8.14 8.76 13.08
N GLY B 228 -7.78 10.03 12.91
CA GLY B 228 -6.97 10.73 13.90
C GLY B 228 -5.49 10.40 13.92
N ASN B 229 -4.97 9.70 12.91
CA ASN B 229 -3.54 9.42 12.86
C ASN B 229 -2.85 10.09 11.68
N GLY B 230 -1.57 9.79 11.51
CA GLY B 230 -0.68 10.46 10.56
C GLY B 230 -1.10 10.51 9.10
N LEU B 231 -1.53 9.37 8.54
CA LEU B 231 -1.98 9.35 7.16
C LEU B 231 -3.12 10.35 6.93
N GLU B 232 -4.11 10.32 7.82
CA GLU B 232 -5.20 11.26 7.75
C GLU B 232 -4.72 12.71 7.82
N LEU B 233 -3.80 12.99 8.74
CA LEU B 233 -3.22 14.33 8.87
C LEU B 233 -2.54 14.82 7.59
N VAL B 234 -1.92 13.91 6.84
CA VAL B 234 -1.32 14.24 5.55
C VAL B 234 -2.43 14.49 4.53
N LEU B 235 -3.39 13.58 4.48
CA LEU B 235 -4.55 13.68 3.59
C LEU B 235 -5.26 15.01 3.78
N ASP B 236 -5.32 15.48 5.03
CA ASP B 236 -5.98 16.72 5.36
C ASP B 236 -5.05 17.94 5.32
N SER B 237 -3.83 17.77 4.82
CA SER B 237 -2.92 18.90 4.63
C SER B 237 -2.45 19.58 5.92
N VAL B 238 -2.57 18.88 7.04
CA VAL B 238 -2.04 19.36 8.32
C VAL B 238 -0.54 19.04 8.43
N LEU B 239 -0.19 17.84 8.02
CA LEU B 239 1.16 17.36 8.08
C LEU B 239 1.65 17.34 6.65
N ASP B 240 2.81 17.95 6.41
CA ASP B 240 3.40 17.89 5.08
C ASP B 240 3.99 16.51 4.76
N ALA B 241 4.56 15.86 5.78
CA ALA B 241 5.18 14.55 5.64
C ALA B 241 5.23 13.81 6.96
N THR B 242 5.19 12.48 6.90
CA THR B 242 5.43 11.65 8.08
C THR B 242 6.12 10.38 7.63
N PHE B 243 6.89 9.77 8.50
CA PHE B 243 7.65 8.59 8.11
C PHE B 243 7.04 7.38 8.74
N ILE B 244 7.07 6.27 8.02
CA ILE B 244 6.51 5.04 8.53
C ILE B 244 7.42 4.47 9.59
N TYR B 245 6.86 4.26 10.77
CA TYR B 245 7.52 3.54 11.83
C TYR B 245 6.67 2.30 12.04
N PRO B 246 7.07 1.17 11.43
CA PRO B 246 6.17 0.02 11.36
C PRO B 246 5.97 -0.68 12.68
N THR B 247 4.77 -1.23 12.88
CA THR B 247 4.44 -1.96 14.08
C THR B 247 4.79 -3.45 13.93
N ASN B 248 4.31 -4.05 12.84
CA ASN B 248 4.59 -5.45 12.48
C ASN B 248 4.56 -6.45 13.65
N GLY B 249 3.49 -6.39 14.44
CA GLY B 249 3.28 -7.30 15.56
C GLY B 249 3.39 -8.76 15.14
N ASP B 250 3.03 -9.04 13.90
CA ASP B 250 3.12 -10.40 13.37
C ASP B 250 4.56 -10.89 13.36
N LYS B 251 5.46 -10.04 12.88
CA LYS B 251 6.88 -10.34 12.83
C LYS B 251 7.45 -10.48 14.25
N VAL B 252 6.97 -9.63 15.16
CA VAL B 252 7.37 -9.65 16.55
C VAL B 252 7.07 -10.99 17.23
N LEU B 253 5.85 -11.50 17.01
CA LEU B 253 5.48 -12.79 17.57
C LEU B 253 6.17 -13.98 16.89
N GLN B 254 6.32 -13.91 15.58
CA GLN B 254 7.09 -14.92 14.85
C GLN B 254 8.54 -15.01 15.36
N LEU B 255 9.10 -13.87 15.77
CA LEU B 255 10.43 -13.86 16.33
C LEU B 255 10.43 -14.54 17.70
N ALA B 256 9.41 -14.26 18.50
CA ALA B 256 9.24 -14.93 19.77
C ALA B 256 9.16 -16.44 19.56
N MET B 257 8.34 -16.87 18.60
CA MET B 257 8.13 -18.30 18.37
C MET B 257 9.39 -19.00 17.89
N ASP B 258 10.17 -18.34 17.05
CA ASP B 258 11.44 -18.88 16.58
C ASP B 258 12.41 -19.18 17.73
N ILE B 259 12.45 -18.29 18.73
CA ILE B 259 13.37 -18.44 19.87
C ILE B 259 12.89 -19.57 20.76
N LEU B 260 11.59 -19.56 21.04
CA LEU B 260 10.96 -20.58 21.87
C LEU B 260 10.97 -21.97 21.20
N GLU B 261 10.82 -22.01 19.87
CA GLU B 261 10.83 -23.27 19.13
C GLU B 261 12.25 -23.74 18.85
N LYS B 262 13.24 -22.98 19.32
CA LYS B 262 14.65 -23.30 19.11
C LYS B 262 15.03 -23.35 17.62
N LYS B 263 14.28 -22.60 16.80
CA LYS B 263 14.57 -22.39 15.38
C LYS B 263 15.58 -21.26 15.20
N PRO B 264 16.22 -21.14 14.01
CA PRO B 264 17.18 -20.04 13.85
C PRO B 264 16.51 -18.66 13.86
N TYR B 265 17.24 -17.66 14.35
CA TYR B 265 16.75 -16.29 14.44
C TYR B 265 17.93 -15.32 14.42
N PRO B 266 17.73 -14.10 13.86
CA PRO B 266 18.79 -13.08 13.96
C PRO B 266 18.67 -12.26 15.26
N LYS B 267 19.80 -11.80 15.78
CA LYS B 267 19.78 -10.95 16.96
C LYS B 267 19.20 -9.56 16.67
N GLU B 268 19.51 -9.02 15.50
CA GLU B 268 19.03 -7.70 15.11
C GLU B 268 18.13 -7.79 13.88
N THR B 269 16.91 -7.28 14.01
CA THR B 269 15.98 -7.18 12.89
C THR B 269 15.60 -5.72 12.67
N VAL B 270 16.03 -5.17 11.54
CA VAL B 270 15.73 -3.79 11.19
C VAL B 270 14.61 -3.79 10.16
N MET B 271 13.52 -3.11 10.47
CA MET B 271 12.37 -3.06 9.55
C MET B 271 12.36 -1.79 8.70
N ASN B 272 11.46 -1.74 7.72
CA ASN B 272 11.49 -0.71 6.68
C ASN B 272 10.75 0.58 7.03
N THR B 273 11.35 1.71 6.67
CA THR B 273 10.67 3.00 6.71
C THR B 273 10.44 3.50 5.29
N ALA B 274 9.62 4.54 5.15
CA ALA B 274 9.46 5.29 3.90
C ALA B 274 8.70 6.56 4.26
N VAL B 275 8.92 7.63 3.48
CA VAL B 275 8.20 8.88 3.69
C VAL B 275 6.77 8.80 3.14
N VAL B 276 5.83 9.43 3.84
CA VAL B 276 4.47 9.57 3.37
C VAL B 276 4.19 11.06 3.24
N ASP B 277 3.75 11.49 2.06
CA ASP B 277 3.42 12.89 1.77
C ASP B 277 2.28 13.00 0.74
N ARG B 278 1.98 14.21 0.27
CA ARG B 278 0.91 14.40 -0.73
C ARG B 278 1.07 13.52 -1.97
N THR B 279 2.31 13.34 -2.45
CA THR B 279 2.58 12.56 -3.66
C THR B 279 2.24 11.07 -3.55
N ASN B 280 2.16 10.53 -2.33
CA ASN B 280 1.87 9.10 -2.17
C ASN B 280 0.74 8.73 -1.22
N ALA B 281 0.22 9.70 -0.48
CA ALA B 281 -0.85 9.48 0.50
C ALA B 281 -2.08 8.76 -0.05
N HIS B 282 -2.41 9.04 -1.31
CA HIS B 282 -3.59 8.43 -1.94
C HIS B 282 -3.45 6.92 -2.15
N VAL B 283 -2.39 6.47 -2.84
CA VAL B 283 -2.19 5.02 -3.02
C VAL B 283 -1.98 4.35 -1.67
N MET B 284 -1.33 5.08 -0.76
CA MET B 284 -1.17 4.68 0.63
C MET B 284 -2.51 4.30 1.26
N GLN B 285 -3.47 5.22 1.22
CA GLN B 285 -4.76 5.00 1.83
C GLN B 285 -5.60 3.95 1.09
N LEU B 286 -5.40 3.82 -0.22
CA LEU B 286 -6.07 2.75 -0.97
C LEU B 286 -5.63 1.40 -0.46
N GLN B 287 -4.34 1.24 -0.25
CA GLN B 287 -3.79 -0.03 0.20
C GLN B 287 -4.22 -0.36 1.61
N THR B 288 -4.19 0.64 2.50
CA THR B 288 -4.55 0.41 3.91
C THR B 288 -6.02 0.12 4.10
N THR B 289 -6.85 0.75 3.29
CA THR B 289 -8.29 0.50 3.27
C THR B 289 -8.56 -0.93 2.83
N HIS B 290 -7.77 -1.44 1.89
CA HIS B 290 -7.86 -2.84 1.48
C HIS B 290 -7.29 -3.77 2.55
N ILE B 291 -6.25 -3.32 3.25
CA ILE B 291 -5.68 -4.05 4.37
C ILE B 291 -6.69 -4.18 5.51
N SER B 292 -7.46 -3.14 5.75
CA SER B 292 -8.33 -3.04 6.93
C SER B 292 -9.50 -4.02 6.88
N GLU B 293 -9.94 -4.33 5.66
CA GLU B 293 -11.04 -5.25 5.49
C GLU B 293 -10.53 -6.69 5.44
N LEU B 294 -9.30 -6.90 4.96
CA LEU B 294 -8.69 -8.21 5.08
C LEU B 294 -8.53 -8.60 6.56
N ASP B 295 -8.52 -7.60 7.44
CA ASP B 295 -8.49 -7.85 8.90
C ASP B 295 -9.85 -8.33 9.41
N LYS B 296 -10.92 -7.63 9.01
CA LYS B 296 -12.28 -8.06 9.32
C LYS B 296 -12.59 -9.43 8.71
N LYS B 297 -11.88 -9.76 7.65
CA LYS B 297 -12.04 -11.03 6.98
C LYS B 297 -11.26 -12.12 7.72
N ILE B 298 -10.49 -11.70 8.72
CA ILE B 298 -9.72 -12.62 9.55
C ILE B 298 -10.35 -12.77 10.93
N GLU B 299 -10.84 -11.66 11.49
CA GLU B 299 -11.63 -11.69 12.72
C GLU B 299 -12.82 -12.64 12.57
N THR B 300 -13.40 -12.66 11.37
CA THR B 300 -14.50 -13.56 11.04
C THR B 300 -14.04 -15.02 11.05
N LEU B 301 -12.97 -15.31 10.33
CA LEU B 301 -12.46 -16.68 10.21
C LEU B 301 -11.86 -17.25 11.50
N ASN B 302 -11.08 -16.44 12.22
CA ASN B 302 -10.55 -16.82 13.53
C ASN B 302 -11.69 -17.08 14.51
N GLY B 303 -12.74 -16.28 14.38
CA GLY B 303 -13.95 -16.41 15.20
C GLY B 303 -14.92 -17.44 14.65
N ARG B 304 -14.37 -18.46 13.98
CA ARG B 304 -15.13 -19.62 13.54
C ARG B 304 -14.23 -20.85 13.67
N ILE B 305 -13.64 -21.01 14.87
CA ILE B 305 -12.74 -22.10 15.20
C ILE B 305 -12.75 -22.35 16.72
#